data_4XSQ
#
_entry.id   4XSQ
#
_cell.length_a   50.250
_cell.length_b   67.868
_cell.length_c   118.041
_cell.angle_alpha   90.00
_cell.angle_beta   90.00
_cell.angle_gamma   90.00
#
_symmetry.space_group_name_H-M   'P 21 21 21'
#
loop_
_entity.id
_entity.type
_entity.pdbx_description
1 polymer 'variable lymphocyte receptor-like protein Bf66946'
2 non-polymer 1,2-ETHANEDIOL
3 non-polymer GLYCEROL
4 water water
#
_entity_poly.entity_id   1
_entity_poly.type   'polypeptide(L)'
_entity_poly.pdbx_seq_one_letter_code
;(MSE)CPSACKCTVSLYGE(MSE)VVACGG(MSE)GLTEIPEDIPHRAVYLVLKDNNITKITSYSFKGLRNLQGIDLSNN
KINHISSAALRHLGHLDDIDLSRNELTSVSEKLFDFPISSAKAQGRRFFVYLANNPWGCDCR(MSE)AWLAQELAGGSKT
FGDRH(MSE)ECATPAALAGRGLSEIPQTSFVCTGRDISFDSD
;
_entity_poly.pdbx_strand_id   A,B
#
# COMPACT_ATOMS: atom_id res chain seq x y z
N CYS A 2 -1.84 26.86 12.56
CA CYS A 2 -2.13 25.91 11.43
C CYS A 2 -1.90 26.59 10.09
N PRO A 3 -1.12 25.96 9.19
CA PRO A 3 -0.93 26.53 7.86
C PRO A 3 -2.26 26.72 7.13
N SER A 4 -2.36 27.78 6.34
CA SER A 4 -3.61 28.11 5.63
C SER A 4 -4.09 27.00 4.69
N ALA A 5 -3.19 26.25 4.08
CA ALA A 5 -3.58 25.17 3.16
C ALA A 5 -3.99 23.90 3.89
N CYS A 6 -3.83 23.86 5.22
CA CYS A 6 -4.08 22.64 5.99
C CYS A 6 -5.25 22.76 6.96
N LYS A 7 -5.76 21.62 7.39
CA LYS A 7 -6.66 21.55 8.52
C LYS A 7 -5.95 20.84 9.67
N CYS A 8 -5.96 21.47 10.83
CA CYS A 8 -5.35 20.93 12.04
C CYS A 8 -6.44 20.58 13.01
N THR A 9 -6.52 19.31 13.34
CA THR A 9 -7.52 18.81 14.27
C THR A 9 -6.87 17.92 15.31
N VAL A 10 -7.28 18.10 16.56
CA VAL A 10 -6.81 17.25 17.63
C VAL A 10 -7.81 16.09 17.80
N SER A 11 -7.29 14.87 17.77
CA SER A 11 -8.11 13.68 17.94
C SER A 11 -8.67 13.53 19.36
N LEU A 12 -9.57 12.57 19.54
CA LEU A 12 -10.08 12.23 20.87
C LEU A 12 -8.95 11.81 21.82
N TYR A 13 -7.86 11.27 21.27
CA TYR A 13 -6.71 10.86 22.07
C TYR A 13 -5.69 11.99 22.26
N GLY A 14 -6.04 13.20 21.85
CA GLY A 14 -5.17 14.35 22.04
C GLY A 14 -4.03 14.48 21.04
N GLU A 15 -4.13 13.80 19.90
CA GLU A 15 -3.05 13.84 18.90
C GLU A 15 -3.43 14.75 17.74
N VAL A 17 -3.59 16.04 14.13
CA VAL A 17 -3.42 15.68 12.73
C VAL A 17 -3.37 16.96 11.90
N VAL A 18 -2.35 17.06 11.05
CA VAL A 18 -2.20 18.20 10.15
C VAL A 18 -2.45 17.68 8.75
N ALA A 19 -3.62 18.01 8.20
CA ALA A 19 -4.10 17.44 6.94
C ALA A 19 -4.02 18.44 5.81
N CYS A 20 -3.11 18.20 4.87
CA CYS A 20 -2.82 19.13 3.79
C CYS A 20 -2.85 18.42 2.44
N GLY A 21 -3.61 17.32 2.36
CA GLY A 21 -3.68 16.53 1.14
C GLY A 21 -4.41 17.25 0.02
N GLY A 22 -3.90 17.07 -1.20
CA GLY A 22 -4.64 17.50 -2.39
C GLY A 22 -4.79 19.00 -2.54
N GLY A 24 -2.35 21.07 -3.98
CA GLY A 24 -1.42 21.56 -5.00
C GLY A 24 -0.04 22.00 -4.52
N LEU A 25 0.31 21.62 -3.28
CA LEU A 25 1.51 22.16 -2.64
C LEU A 25 2.79 21.75 -3.36
N THR A 26 3.68 22.72 -3.59
CA THR A 26 4.97 22.42 -4.17
C THR A 26 6.06 22.28 -3.11
N GLU A 27 5.75 22.67 -1.87
CA GLU A 27 6.68 22.61 -0.75
C GLU A 27 5.96 22.18 0.53
N ILE A 28 6.74 21.70 1.50
CA ILE A 28 6.22 21.48 2.84
C ILE A 28 5.83 22.83 3.43
N PRO A 29 4.62 22.95 3.99
CA PRO A 29 4.22 24.24 4.58
C PRO A 29 5.03 24.66 5.79
N GLU A 30 5.14 25.98 5.98
CA GLU A 30 5.80 26.56 7.13
C GLU A 30 4.83 26.64 8.28
N ASP A 31 5.36 26.66 9.49
CA ASP A 31 4.57 26.91 10.70
C ASP A 31 3.56 25.78 10.97
N ILE A 32 3.97 24.56 10.66
CA ILE A 32 3.26 23.40 11.17
C ILE A 32 3.54 23.37 12.67
N PRO A 33 2.51 23.17 13.51
CA PRO A 33 2.80 23.25 14.94
C PRO A 33 3.71 22.15 15.45
N HIS A 34 4.53 22.50 16.44
CA HIS A 34 5.44 21.55 17.07
C HIS A 34 4.74 20.30 17.60
N ARG A 35 3.47 20.40 17.97
CA ARG A 35 2.74 19.26 18.52
C ARG A 35 2.20 18.31 17.45
N ALA A 36 2.49 18.58 16.17
CA ALA A 36 2.01 17.70 15.12
C ALA A 36 2.44 16.26 15.34
N VAL A 37 1.49 15.34 15.26
CA VAL A 37 1.77 13.91 15.40
C VAL A 37 1.57 13.19 14.05
N TYR A 38 0.57 13.60 13.27
CA TYR A 38 0.36 13.02 11.94
C TYR A 38 0.35 14.14 10.91
N LEU A 39 1.17 13.98 9.88
CA LEU A 39 1.31 14.99 8.83
C LEU A 39 0.89 14.33 7.52
N VAL A 40 -0.21 14.80 6.95
CA VAL A 40 -0.70 14.25 5.70
C VAL A 40 -0.45 15.26 4.58
N LEU A 41 0.44 14.89 3.66
CA LEU A 41 0.81 15.75 2.54
C LEU A 41 0.61 15.00 1.22
N LYS A 42 -0.25 13.99 1.25
CA LYS A 42 -0.50 13.16 0.08
C LYS A 42 -1.09 13.99 -1.06
N ASP A 43 -0.88 13.50 -2.28
CA ASP A 43 -1.54 14.05 -3.47
C ASP A 43 -1.21 15.53 -3.65
N ASN A 44 0.07 15.88 -3.59
CA ASN A 44 0.53 17.25 -3.82
C ASN A 44 1.62 17.23 -4.88
N ASN A 45 2.37 18.32 -5.00
CA ASN A 45 3.36 18.47 -6.04
C ASN A 45 4.76 18.67 -5.49
N ILE A 46 5.04 18.06 -4.35
CA ILE A 46 6.33 18.24 -3.67
C ILE A 46 7.41 17.48 -4.44
N THR A 47 8.58 18.13 -4.62
CA THR A 47 9.68 17.51 -5.36
C THR A 47 10.92 17.15 -4.53
N LYS A 48 11.10 17.81 -3.38
CA LYS A 48 12.31 17.66 -2.58
C LYS A 48 11.96 17.56 -1.10
N ILE A 49 12.58 16.62 -0.42
CA ILE A 49 12.58 16.61 1.03
C ILE A 49 13.99 16.93 1.46
N THR A 50 14.13 17.97 2.26
CA THR A 50 15.45 18.47 2.63
C THR A 50 15.79 18.12 4.04
N SER A 51 17.00 18.47 4.45
CA SER A 51 17.44 18.28 5.81
C SER A 51 16.53 18.99 6.84
N TYR A 52 15.85 20.04 6.41
CA TYR A 52 15.04 20.87 7.31
C TYR A 52 13.53 20.74 7.07
N SER A 53 13.10 19.84 6.18
CA SER A 53 11.69 19.66 5.91
C SER A 53 10.87 19.37 7.17
N PHE A 54 11.44 18.65 8.12
CA PHE A 54 10.72 18.33 9.37
C PHE A 54 11.33 19.00 10.60
N LYS A 55 11.99 20.13 10.35
CA LYS A 55 12.54 20.93 11.43
C LYS A 55 11.41 21.31 12.38
N GLY A 56 11.63 21.06 13.66
CA GLY A 56 10.65 21.42 14.69
C GLY A 56 9.44 20.51 14.71
N LEU A 57 9.51 19.38 14.02
CA LEU A 57 8.40 18.43 13.96
C LEU A 57 8.83 17.07 14.51
N ARG A 58 9.56 17.09 15.61
CA ARG A 58 10.14 15.88 16.20
C ARG A 58 9.13 14.94 16.88
N ASN A 59 7.89 15.38 17.05
CA ASN A 59 6.85 14.52 17.62
C ASN A 59 6.14 13.67 16.57
N LEU A 60 6.50 13.83 15.30
CA LEU A 60 5.76 13.12 14.24
C LEU A 60 5.83 11.60 14.42
N GLN A 61 4.65 10.98 14.38
CA GLN A 61 4.52 9.52 14.35
C GLN A 61 4.16 8.98 12.97
N GLY A 62 3.50 9.78 12.14
CA GLY A 62 3.19 9.37 10.78
C GLY A 62 3.40 10.51 9.82
N ILE A 63 4.07 10.21 8.71
CA ILE A 63 4.24 11.16 7.61
C ILE A 63 3.72 10.51 6.34
N ASP A 64 2.73 11.13 5.71
CA ASP A 64 2.19 10.64 4.45
C ASP A 64 2.56 11.61 3.33
N LEU A 65 3.54 11.21 2.53
CA LEU A 65 3.97 11.96 1.35
C LEU A 65 3.67 11.17 0.07
N SER A 66 2.73 10.24 0.13
CA SER A 66 2.36 9.48 -1.05
C SER A 66 1.83 10.37 -2.19
N ASN A 67 2.14 9.94 -3.41
CA ASN A 67 1.57 10.55 -4.60
C ASN A 67 1.97 12.03 -4.72
N ASN A 68 3.27 12.26 -4.61
CA ASN A 68 3.84 13.58 -4.89
C ASN A 68 4.78 13.41 -6.08
N LYS A 69 5.74 14.32 -6.23
CA LYS A 69 6.70 14.25 -7.32
C LYS A 69 8.12 14.22 -6.76
N ILE A 70 8.29 13.57 -5.61
CA ILE A 70 9.56 13.64 -4.88
C ILE A 70 10.65 12.83 -5.59
N ASN A 71 11.75 13.52 -5.90
CA ASN A 71 12.88 12.89 -6.59
C ASN A 71 14.18 12.88 -5.79
N HIS A 72 14.14 13.45 -4.59
CA HIS A 72 15.28 13.41 -3.71
C HIS A 72 14.87 13.63 -2.26
N ILE A 73 15.48 12.86 -1.37
CA ILE A 73 15.30 13.03 0.06
C ILE A 73 16.67 13.07 0.68
N SER A 74 16.96 14.19 1.34
CA SER A 74 18.19 14.35 2.08
C SER A 74 18.36 13.21 3.08
N SER A 75 19.56 12.64 3.15
CA SER A 75 19.86 11.60 4.12
C SER A 75 19.72 12.06 5.57
N ALA A 76 19.66 13.38 5.80
CA ALA A 76 19.51 13.95 7.14
C ALA A 76 18.06 14.26 7.54
N ALA A 77 17.10 14.02 6.64
CA ALA A 77 15.72 14.49 6.85
C ALA A 77 15.04 13.95 8.10
N LEU A 78 15.38 12.72 8.48
CA LEU A 78 14.71 12.03 9.60
C LEU A 78 15.61 11.92 10.84
N ARG A 79 16.70 12.67 10.87
CA ARG A 79 17.73 12.43 11.91
C ARG A 79 17.30 12.78 13.34
N HIS A 80 16.21 13.53 13.47
CA HIS A 80 15.64 13.85 14.79
C HIS A 80 14.24 13.34 14.99
N LEU A 81 13.75 12.45 14.12
CA LEU A 81 12.40 11.95 14.26
C LEU A 81 12.37 10.62 15.00
N GLY A 82 12.39 10.70 16.32
CA GLY A 82 12.51 9.52 17.17
C GLY A 82 11.20 8.91 17.62
N HIS A 83 10.08 9.39 17.09
CA HIS A 83 8.78 8.82 17.40
C HIS A 83 8.05 8.35 16.18
N LEU A 84 8.79 8.25 15.07
CA LEU A 84 8.16 7.93 13.79
C LEU A 84 7.78 6.44 13.71
N ASP A 85 6.51 6.17 13.42
CA ASP A 85 5.98 4.80 13.27
C ASP A 85 5.84 4.42 11.80
N ASP A 86 5.54 5.40 10.95
CA ASP A 86 5.25 5.12 9.54
C ASP A 86 5.63 6.32 8.68
N ILE A 87 6.37 6.06 7.60
CA ILE A 87 6.58 7.08 6.57
C ILE A 87 6.24 6.48 5.22
N ASP A 88 5.38 7.19 4.50
CA ASP A 88 4.86 6.75 3.23
C ASP A 88 5.40 7.69 2.14
N LEU A 89 6.28 7.14 1.29
CA LEU A 89 6.86 7.85 0.14
C LEU A 89 6.48 7.14 -1.15
N SER A 90 5.38 6.39 -1.10
CA SER A 90 4.93 5.65 -2.26
C SER A 90 4.51 6.62 -3.37
N ARG A 91 4.57 6.13 -4.61
CA ARG A 91 4.06 6.88 -5.78
C ARG A 91 4.73 8.25 -5.90
N ASN A 92 6.05 8.21 -5.96
CA ASN A 92 6.85 9.41 -6.14
C ASN A 92 7.82 9.16 -7.28
N GLU A 93 8.89 9.95 -7.38
CA GLU A 93 9.84 9.83 -8.50
C GLU A 93 11.26 9.54 -7.99
N LEU A 94 11.37 8.81 -6.89
CA LEU A 94 12.68 8.48 -6.32
C LEU A 94 13.37 7.40 -7.13
N THR A 95 14.64 7.61 -7.43
CA THR A 95 15.47 6.59 -8.10
C THR A 95 16.38 5.91 -7.09
N SER A 96 16.57 6.54 -5.94
CA SER A 96 17.31 5.92 -4.85
C SER A 96 16.97 6.60 -3.52
N VAL A 97 17.19 5.86 -2.45
CA VAL A 97 17.19 6.41 -1.09
C VAL A 97 18.44 5.90 -0.38
N SER A 98 19.05 6.73 0.46
CA SER A 98 20.21 6.28 1.22
C SER A 98 19.84 5.46 2.46
N GLU A 99 20.70 4.51 2.77
CA GLU A 99 20.55 3.67 3.91
C GLU A 99 20.56 4.51 5.21
N LYS A 100 21.45 5.49 5.24
CA LYS A 100 21.64 6.40 6.38
C LYS A 100 20.37 7.21 6.75
N LEU A 101 19.54 7.48 5.74
CA LEU A 101 18.27 8.18 5.95
C LEU A 101 17.42 7.61 7.09
N PHE A 102 17.40 6.30 7.25
CA PHE A 102 16.51 5.64 8.20
C PHE A 102 17.13 5.29 9.55
N ASP A 103 18.41 5.61 9.75
CA ASP A 103 19.15 5.17 10.95
C ASP A 103 18.43 5.57 12.24
N PHE A 104 18.12 6.85 12.38
CA PHE A 104 17.55 7.33 13.64
C PHE A 104 16.16 6.77 13.97
N PRO A 105 15.20 6.85 13.00
CA PRO A 105 13.91 6.27 13.36
C PRO A 105 13.98 4.76 13.61
N ILE A 106 14.85 4.06 12.91
CA ILE A 106 15.02 2.61 13.18
C ILE A 106 15.54 2.37 14.59
N SER A 107 16.60 3.08 14.95
CA SER A 107 17.22 2.94 16.27
C SER A 107 16.25 3.28 17.38
N SER A 108 15.50 4.36 17.19
CA SER A 108 14.53 4.84 18.17
C SER A 108 13.40 3.85 18.36
N ALA A 109 12.85 3.35 17.24
CA ALA A 109 11.78 2.36 17.32
C ALA A 109 12.24 1.12 18.06
N LYS A 110 13.45 0.66 17.76
CA LYS A 110 14.00 -0.54 18.43
C LYS A 110 14.12 -0.29 19.93
N ALA A 111 14.71 0.84 20.28
CA ALA A 111 14.87 1.21 21.69
C ALA A 111 13.53 1.32 22.41
N GLN A 112 12.48 1.72 21.70
CA GLN A 112 11.16 1.91 22.28
C GLN A 112 10.25 0.70 22.17
N GLY A 113 10.75 -0.39 21.60
CA GLY A 113 10.02 -1.63 21.50
C GLY A 113 8.85 -1.57 20.54
N ARG A 114 8.97 -0.80 19.47
CA ARG A 114 7.86 -0.65 18.54
C ARG A 114 8.33 -0.79 17.10
N ARG A 115 7.36 -0.74 16.18
CA ARG A 115 7.61 -0.93 14.77
C ARG A 115 7.81 0.44 14.13
N PHE A 116 8.71 0.52 13.17
CA PHE A 116 8.81 1.70 12.28
C PHE A 116 8.78 1.12 10.89
N PHE A 117 7.82 1.58 10.10
CA PHE A 117 7.58 1.01 8.77
C PHE A 117 7.77 2.08 7.70
N VAL A 118 8.42 1.67 6.62
CA VAL A 118 8.73 2.57 5.53
C VAL A 118 8.04 2.00 4.29
N TYR A 119 7.16 2.79 3.70
CA TYR A 119 6.39 2.35 2.52
C TYR A 119 6.87 3.15 1.32
N LEU A 120 7.56 2.47 0.41
CA LEU A 120 8.20 3.12 -0.75
C LEU A 120 7.68 2.62 -2.10
N ALA A 121 6.53 1.98 -2.08
CA ALA A 121 5.96 1.37 -3.28
C ALA A 121 5.88 2.34 -4.46
N ASN A 122 6.06 1.83 -5.68
CA ASN A 122 5.80 2.61 -6.88
C ASN A 122 6.69 3.86 -7.00
N ASN A 123 7.99 3.63 -6.95
CA ASN A 123 8.97 4.61 -7.36
C ASN A 123 9.83 4.01 -8.48
N PRO A 124 10.38 4.88 -9.35
CA PRO A 124 11.19 4.43 -10.49
C PRO A 124 12.64 4.14 -10.09
N TRP A 125 12.82 3.06 -9.34
CA TRP A 125 14.12 2.76 -8.75
C TRP A 125 15.22 2.59 -9.80
N GLY A 126 16.37 3.19 -9.52
CA GLY A 126 17.56 2.95 -10.32
C GLY A 126 18.36 1.87 -9.64
N CYS A 127 18.38 0.69 -10.24
CA CYS A 127 18.95 -0.48 -9.60
C CYS A 127 20.43 -0.65 -9.92
N ASP A 128 21.19 0.34 -9.47
CA ASP A 128 22.65 0.31 -9.54
C ASP A 128 23.18 0.04 -8.12
N CYS A 129 24.49 0.20 -7.90
CA CYS A 129 25.06 -0.17 -6.63
C CYS A 129 24.55 0.66 -5.46
N ARG A 130 23.93 1.81 -5.73
CA ARG A 130 23.33 2.63 -4.66
C ARG A 130 22.06 2.04 -4.06
N ALA A 132 21.60 -1.52 -3.90
CA ALA A 132 21.85 -2.90 -3.46
C ALA A 132 21.48 -3.13 -2.00
N TRP A 133 21.72 -2.11 -1.17
CA TRP A 133 21.46 -2.27 0.24
C TRP A 133 19.98 -2.58 0.50
N LEU A 134 19.07 -1.83 -0.13
CA LEU A 134 17.64 -2.02 0.12
C LEU A 134 17.13 -3.30 -0.51
N ALA A 135 17.63 -3.59 -1.71
CA ALA A 135 17.35 -4.86 -2.36
C ALA A 135 17.58 -6.02 -1.40
N GLN A 136 18.71 -5.98 -0.69
CA GLN A 136 19.10 -7.07 0.20
C GLN A 136 18.31 -7.10 1.50
N GLU A 137 17.98 -5.94 2.03
CA GLU A 137 17.11 -5.88 3.22
C GLU A 137 15.74 -6.48 2.90
N LEU A 138 15.20 -6.13 1.73
CA LEU A 138 13.92 -6.66 1.29
C LEU A 138 14.02 -8.16 1.10
N ALA A 139 15.06 -8.60 0.38
CA ALA A 139 15.28 -10.02 0.14
C ALA A 139 15.38 -10.82 1.47
N GLY A 140 16.01 -10.21 2.48
CA GLY A 140 16.20 -10.86 3.77
C GLY A 140 14.95 -11.02 4.60
N GLY A 141 13.93 -10.20 4.33
CA GLY A 141 12.70 -10.22 5.10
C GLY A 141 12.59 -9.11 6.12
N SER A 142 13.15 -7.94 5.82
CA SER A 142 13.08 -6.77 6.70
C SER A 142 11.66 -6.46 7.16
N LYS A 143 11.51 -6.14 8.44
CA LYS A 143 10.22 -5.70 8.96
C LYS A 143 10.07 -4.19 8.78
N THR A 144 11.16 -3.51 8.48
CA THR A 144 11.11 -2.05 8.34
C THR A 144 10.57 -1.64 6.98
N PHE A 145 11.08 -2.26 5.92
CA PHE A 145 10.79 -1.82 4.56
C PHE A 145 9.83 -2.76 3.90
N GLY A 146 8.69 -2.21 3.47
CA GLY A 146 7.69 -3.01 2.78
C GLY A 146 8.18 -3.42 1.40
N ASP A 147 7.76 -4.61 0.92
CA ASP A 147 8.23 -5.11 -0.38
C ASP A 147 7.14 -5.12 -1.45
N ARG A 148 6.03 -4.42 -1.23
CA ARG A 148 4.99 -4.32 -2.27
C ARG A 148 5.38 -3.33 -3.37
N HIS A 149 5.21 -3.74 -4.62
CA HIS A 149 5.49 -2.87 -5.78
C HIS A 149 6.85 -2.17 -5.70
N GLU A 151 10.01 -2.29 -7.67
CA GLU A 151 10.62 -2.79 -8.89
C GLU A 151 11.52 -1.77 -9.57
N CYS A 152 12.49 -2.28 -10.30
CA CYS A 152 13.47 -1.44 -10.98
C CYS A 152 12.90 -0.79 -12.21
N ALA A 153 13.20 0.50 -12.40
CA ALA A 153 12.92 1.19 -13.65
C ALA A 153 14.13 1.13 -14.59
N THR A 154 15.31 1.20 -14.00
CA THR A 154 16.58 1.16 -14.73
C THR A 154 17.56 0.30 -13.93
N PRO A 155 18.65 -0.17 -14.55
CA PRO A 155 19.01 -0.10 -15.96
C PRO A 155 18.10 -1.01 -16.77
N ALA A 156 18.24 -0.98 -18.09
CA ALA A 156 17.31 -1.68 -18.97
C ALA A 156 17.20 -3.16 -18.67
N ALA A 157 18.32 -3.81 -18.37
CA ALA A 157 18.34 -5.26 -18.13
C ALA A 157 17.49 -5.65 -16.91
N LEU A 158 17.37 -4.74 -15.96
CA LEU A 158 16.63 -5.03 -14.72
C LEU A 158 15.23 -4.42 -14.71
N ALA A 159 14.83 -3.75 -15.77
CA ALA A 159 13.55 -3.05 -15.79
C ALA A 159 12.39 -4.03 -15.59
N GLY A 160 11.55 -3.74 -14.61
CA GLY A 160 10.39 -4.56 -14.30
C GLY A 160 10.63 -5.67 -13.29
N ARG A 161 11.89 -5.92 -12.95
CA ARG A 161 12.21 -6.95 -11.98
C ARG A 161 12.07 -6.39 -10.55
N GLY A 162 11.56 -7.21 -9.65
CA GLY A 162 11.50 -6.85 -8.24
C GLY A 162 12.89 -6.70 -7.63
N LEU A 163 13.09 -5.62 -6.87
CA LEU A 163 14.37 -5.41 -6.18
C LEU A 163 14.80 -6.61 -5.36
N SER A 164 13.86 -7.26 -4.68
CA SER A 164 14.20 -8.33 -3.76
C SER A 164 14.52 -9.66 -4.45
N GLU A 165 14.42 -9.69 -5.78
CA GLU A 165 14.69 -10.90 -6.54
C GLU A 165 15.92 -10.80 -7.43
N ILE A 166 16.70 -9.74 -7.30
CA ILE A 166 17.90 -9.54 -8.12
C ILE A 166 19.18 -9.82 -7.33
N PRO A 167 20.12 -10.62 -7.89
CA PRO A 167 21.36 -10.84 -7.13
C PRO A 167 22.17 -9.60 -6.87
N GLN A 168 22.88 -9.55 -5.74
CA GLN A 168 23.74 -8.43 -5.40
C GLN A 168 24.72 -8.04 -6.48
N THR A 169 25.26 -9.02 -7.19
CA THR A 169 26.27 -8.75 -8.22
C THR A 169 25.71 -8.14 -9.50
N SER A 170 24.39 -8.16 -9.64
CA SER A 170 23.70 -7.43 -10.72
C SER A 170 23.47 -5.95 -10.42
N PHE A 171 23.73 -5.50 -9.19
CA PHE A 171 23.59 -4.09 -8.82
C PHE A 171 24.94 -3.44 -9.03
N VAL A 172 25.10 -2.76 -10.16
CA VAL A 172 26.41 -2.31 -10.63
C VAL A 172 26.46 -0.82 -10.83
N CYS A 173 27.56 -0.19 -10.42
CA CYS A 173 27.86 1.19 -10.78
C CYS A 173 29.08 1.21 -11.67
N THR A 174 28.99 2.00 -12.73
CA THR A 174 30.13 2.45 -13.53
C THR A 174 30.56 3.85 -13.04
N GLY A 175 31.59 4.41 -13.66
CA GLY A 175 32.00 5.79 -13.38
C GLY A 175 30.97 6.81 -13.81
N CYS B 2 -0.11 -20.02 -21.85
CA CYS B 2 0.04 -18.71 -21.27
C CYS B 2 -0.81 -17.78 -22.06
N PRO B 3 -1.64 -16.99 -21.41
CA PRO B 3 -2.42 -16.02 -22.18
C PRO B 3 -1.47 -15.13 -23.00
N SER B 4 -1.91 -14.69 -24.18
CA SER B 4 -1.03 -13.95 -25.09
C SER B 4 -0.61 -12.61 -24.53
N ALA B 5 -1.46 -12.02 -23.68
CA ALA B 5 -1.20 -10.75 -23.06
C ALA B 5 -0.33 -10.86 -21.80
N CYS B 6 0.09 -12.07 -21.45
CA CYS B 6 0.87 -12.27 -20.24
C CYS B 6 2.27 -12.80 -20.49
N LYS B 7 3.09 -12.75 -19.44
CA LYS B 7 4.37 -13.42 -19.39
C LYS B 7 4.29 -14.46 -18.28
N CYS B 8 4.47 -15.73 -18.64
CA CYS B 8 4.48 -16.84 -17.68
C CYS B 8 5.90 -17.37 -17.49
N THR B 9 6.45 -17.19 -16.30
CA THR B 9 7.83 -17.56 -16.01
C THR B 9 7.94 -18.25 -14.65
N VAL B 10 8.82 -19.25 -14.53
CA VAL B 10 9.08 -19.87 -13.24
C VAL B 10 10.09 -18.99 -12.51
N SER B 11 9.71 -18.51 -11.33
CA SER B 11 10.56 -17.62 -10.55
C SER B 11 11.83 -18.30 -10.04
N LEU B 12 12.74 -17.49 -9.49
CA LEU B 12 13.94 -18.01 -8.85
C LEU B 12 13.65 -18.96 -7.68
N TYR B 13 12.41 -18.96 -7.16
CA TYR B 13 12.02 -19.85 -6.08
C TYR B 13 11.21 -21.05 -6.55
N GLY B 14 11.21 -21.30 -7.86
CA GLY B 14 10.50 -22.43 -8.45
C GLY B 14 8.98 -22.27 -8.55
N GLU B 15 8.51 -21.02 -8.55
CA GLU B 15 7.07 -20.74 -8.52
C GLU B 15 6.60 -20.07 -9.80
N VAL B 17 4.88 -17.64 -12.09
CA VAL B 17 4.40 -16.28 -12.04
C VAL B 17 3.70 -15.96 -13.36
N VAL B 18 2.49 -15.41 -13.28
CA VAL B 18 1.75 -15.02 -14.48
C VAL B 18 1.59 -13.50 -14.41
N ALA B 19 2.33 -12.79 -15.26
CA ALA B 19 2.44 -11.34 -15.19
C ALA B 19 1.80 -10.69 -16.40
N CYS B 20 0.72 -9.94 -16.18
CA CYS B 20 -0.05 -9.34 -17.27
C CYS B 20 -0.31 -7.86 -17.03
N GLY B 21 0.58 -7.19 -16.30
CA GLY B 21 0.39 -5.79 -15.98
C GLY B 21 0.54 -4.85 -17.18
N GLY B 22 -0.30 -3.82 -17.23
CA GLY B 22 -0.14 -2.73 -18.20
C GLY B 22 -0.47 -3.10 -19.63
N GLY B 24 -3.74 -3.10 -21.03
CA GLY B 24 -5.07 -2.61 -21.43
C GLY B 24 -6.18 -3.63 -21.30
N LEU B 25 -6.03 -4.59 -20.40
CA LEU B 25 -7.02 -5.66 -20.27
C LEU B 25 -8.31 -5.14 -19.67
N THR B 26 -9.44 -5.59 -20.23
CA THR B 26 -10.76 -5.27 -19.67
C THR B 26 -11.40 -6.48 -18.99
N GLU B 27 -10.73 -7.64 -19.10
CA GLU B 27 -11.25 -8.92 -18.61
C GLU B 27 -10.09 -9.71 -18.00
N ILE B 28 -10.39 -10.55 -17.00
CA ILE B 28 -9.43 -11.54 -16.53
C ILE B 28 -9.13 -12.47 -17.70
N PRO B 29 -7.84 -12.68 -18.04
CA PRO B 29 -7.54 -13.48 -19.21
C PRO B 29 -7.91 -14.95 -19.06
N GLU B 30 -8.26 -15.56 -20.18
CA GLU B 30 -8.49 -16.99 -20.26
C GLU B 30 -7.16 -17.72 -20.30
N ASP B 31 -7.18 -18.98 -19.89
CA ASP B 31 -6.05 -19.88 -20.03
C ASP B 31 -4.87 -19.49 -19.17
N ILE B 32 -5.17 -18.96 -17.98
CA ILE B 32 -4.12 -18.81 -16.97
C ILE B 32 -3.72 -20.21 -16.54
N PRO B 33 -2.39 -20.53 -16.57
CA PRO B 33 -2.00 -21.89 -16.19
C PRO B 33 -2.41 -22.25 -14.77
N HIS B 34 -2.91 -23.47 -14.59
CA HIS B 34 -3.35 -23.94 -13.29
C HIS B 34 -2.25 -24.05 -12.25
N ARG B 35 -0.99 -24.08 -12.68
CA ARG B 35 0.12 -24.12 -11.72
C ARG B 35 0.46 -22.73 -11.15
N ALA B 36 -0.21 -21.68 -11.64
CA ALA B 36 0.06 -20.33 -11.19
C ALA B 36 0.14 -20.18 -9.66
N VAL B 37 1.21 -19.54 -9.20
CA VAL B 37 1.39 -19.23 -7.80
C VAL B 37 1.17 -17.74 -7.56
N TYR B 38 1.67 -16.92 -8.49
CA TYR B 38 1.45 -15.46 -8.46
C TYR B 38 0.79 -14.97 -9.74
N LEU B 39 -0.30 -14.22 -9.56
CA LEU B 39 -1.04 -13.68 -10.69
C LEU B 39 -1.00 -12.17 -10.56
N VAL B 40 -0.37 -11.51 -11.54
CA VAL B 40 -0.24 -10.06 -11.56
C VAL B 40 -1.04 -9.48 -12.72
N LEU B 41 -2.12 -8.77 -12.36
CA LEU B 41 -3.03 -8.15 -13.34
C LEU B 41 -3.13 -6.64 -13.11
N LYS B 42 -2.15 -6.08 -12.42
CA LYS B 42 -2.16 -4.68 -12.07
C LYS B 42 -2.11 -3.77 -13.31
N ASP B 43 -2.57 -2.53 -13.12
CA ASP B 43 -2.45 -1.48 -14.13
C ASP B 43 -3.19 -1.89 -15.41
N ASN B 44 -4.44 -2.30 -15.25
CA ASN B 44 -5.29 -2.68 -16.38
C ASN B 44 -6.65 -1.99 -16.24
N ASN B 45 -7.63 -2.39 -17.05
CA ASN B 45 -8.95 -1.76 -17.05
C ASN B 45 -10.07 -2.76 -16.72
N ILE B 46 -9.76 -3.70 -15.84
CA ILE B 46 -10.71 -4.74 -15.42
C ILE B 46 -11.76 -4.10 -14.51
N THR B 47 -13.02 -4.49 -14.68
CA THR B 47 -14.12 -3.88 -13.93
C THR B 47 -14.83 -4.82 -12.99
N LYS B 48 -14.75 -6.11 -13.25
CA LYS B 48 -15.48 -7.09 -12.46
C LYS B 48 -14.59 -8.28 -12.12
N ILE B 49 -14.75 -8.78 -10.89
CA ILE B 49 -14.21 -10.06 -10.47
C ILE B 49 -15.41 -10.96 -10.16
N THR B 50 -15.46 -12.12 -10.82
CA THR B 50 -16.60 -13.02 -10.70
C THR B 50 -16.29 -14.24 -9.84
N SER B 51 -17.32 -15.05 -9.58
CA SER B 51 -17.18 -16.33 -8.89
C SER B 51 -16.32 -17.34 -9.67
N TYR B 52 -16.09 -17.08 -10.95
CA TYR B 52 -15.21 -17.96 -11.77
C TYR B 52 -13.88 -17.32 -12.24
N SER B 53 -13.56 -16.11 -11.75
CA SER B 53 -12.35 -15.43 -12.18
C SER B 53 -11.08 -16.25 -11.91
N PHE B 54 -11.06 -17.01 -10.83
CA PHE B 54 -9.86 -17.77 -10.45
C PHE B 54 -10.11 -19.26 -10.48
N LYS B 55 -11.02 -19.67 -11.36
CA LYS B 55 -11.40 -21.08 -11.48
C LYS B 55 -10.18 -21.89 -11.84
N GLY B 56 -9.94 -22.92 -11.06
CA GLY B 56 -8.80 -23.81 -11.27
C GLY B 56 -7.45 -23.28 -10.85
N LEU B 57 -7.41 -22.12 -10.20
CA LEU B 57 -6.13 -21.51 -9.82
C LEU B 57 -5.91 -21.68 -8.32
N ARG B 58 -6.04 -22.91 -7.87
CA ARG B 58 -6.08 -23.18 -6.44
C ARG B 58 -4.71 -23.13 -5.77
N ASN B 59 -3.64 -23.03 -6.55
CA ASN B 59 -2.29 -22.89 -6.00
C ASN B 59 -1.86 -21.43 -5.77
N LEU B 60 -2.74 -20.49 -6.08
CA LEU B 60 -2.35 -19.07 -5.92
C LEU B 60 -1.96 -18.70 -4.48
N GLN B 61 -0.81 -18.04 -4.37
CA GLN B 61 -0.37 -17.44 -3.12
C GLN B 61 -0.53 -15.92 -3.13
N GLY B 62 -0.54 -15.32 -4.32
CA GLY B 62 -0.75 -13.87 -4.43
C GLY B 62 -1.51 -13.47 -5.68
N ILE B 63 -2.42 -12.52 -5.50
CA ILE B 63 -3.17 -11.91 -6.58
C ILE B 63 -2.97 -10.39 -6.48
N ASP B 64 -2.48 -9.80 -7.54
CA ASP B 64 -2.32 -8.36 -7.62
C ASP B 64 -3.28 -7.81 -8.67
N LEU B 65 -4.35 -7.17 -8.20
CA LEU B 65 -5.31 -6.48 -9.05
C LEU B 65 -5.31 -4.98 -8.83
N SER B 66 -4.20 -4.46 -8.30
CA SER B 66 -4.09 -3.04 -8.05
C SER B 66 -4.21 -2.20 -9.32
N ASN B 67 -4.80 -1.03 -9.17
CA ASN B 67 -4.86 -0.03 -10.22
C ASN B 67 -5.60 -0.57 -11.45
N ASN B 68 -6.82 -1.04 -11.21
CA ASN B 68 -7.74 -1.44 -12.25
C ASN B 68 -8.97 -0.54 -12.11
N LYS B 69 -10.11 -0.96 -12.67
CA LYS B 69 -11.35 -0.22 -12.52
C LYS B 69 -12.44 -1.09 -11.86
N ILE B 70 -12.02 -1.92 -10.91
CA ILE B 70 -12.92 -2.93 -10.35
C ILE B 70 -14.00 -2.25 -9.49
N ASN B 71 -15.27 -2.47 -9.87
CA ASN B 71 -16.40 -1.92 -9.12
C ASN B 71 -17.27 -2.99 -8.45
N HIS B 72 -16.94 -4.26 -8.68
CA HIS B 72 -17.64 -5.33 -8.04
C HIS B 72 -16.79 -6.60 -7.96
N ILE B 73 -16.87 -7.26 -6.81
CA ILE B 73 -16.25 -8.57 -6.63
C ILE B 73 -17.25 -9.53 -6.05
N SER B 74 -17.48 -10.64 -6.75
CA SER B 74 -18.29 -11.73 -6.22
C SER B 74 -17.76 -12.21 -4.88
N SER B 75 -18.64 -12.37 -3.89
CA SER B 75 -18.23 -12.91 -2.60
C SER B 75 -17.74 -14.37 -2.65
N ALA B 76 -18.01 -15.05 -3.77
CA ALA B 76 -17.52 -16.40 -4.02
C ALA B 76 -16.13 -16.48 -4.71
N ALA B 77 -15.51 -15.35 -5.04
CA ALA B 77 -14.34 -15.38 -5.92
C ALA B 77 -13.14 -16.11 -5.31
N LEU B 78 -13.01 -16.08 -3.99
CA LEU B 78 -11.82 -16.63 -3.31
C LEU B 78 -12.07 -17.95 -2.58
N ARG B 79 -13.24 -18.55 -2.80
CA ARG B 79 -13.73 -19.62 -1.94
C ARG B 79 -12.92 -20.94 -2.00
N HIS B 80 -12.10 -21.12 -3.04
CA HIS B 80 -11.22 -22.29 -3.15
C HIS B 80 -9.74 -21.95 -3.03
N LEU B 81 -9.42 -20.70 -2.68
CA LEU B 81 -8.03 -20.24 -2.62
C LEU B 81 -7.44 -20.31 -1.21
N GLY B 82 -7.06 -21.53 -0.82
CA GLY B 82 -6.62 -21.81 0.54
C GLY B 82 -5.13 -21.65 0.78
N HIS B 83 -4.40 -21.16 -0.22
CA HIS B 83 -2.96 -20.95 -0.10
C HIS B 83 -2.60 -19.46 -0.26
N LEU B 84 -3.60 -18.59 -0.38
CA LEU B 84 -3.35 -17.16 -0.52
C LEU B 84 -2.61 -16.54 0.66
N ASP B 85 -1.51 -15.83 0.36
CA ASP B 85 -0.80 -15.00 1.33
C ASP B 85 -1.23 -13.55 1.23
N ASP B 86 -1.65 -13.11 0.05
CA ASP B 86 -1.85 -11.69 -0.22
C ASP B 86 -2.83 -11.47 -1.37
N ILE B 87 -3.77 -10.55 -1.20
CA ILE B 87 -4.54 -10.04 -2.32
C ILE B 87 -4.57 -8.51 -2.28
N ASP B 88 -4.28 -7.92 -3.42
CA ASP B 88 -4.16 -6.48 -3.55
C ASP B 88 -5.29 -6.02 -4.46
N LEU B 89 -6.23 -5.28 -3.89
CA LEU B 89 -7.33 -4.68 -4.63
C LEU B 89 -7.26 -3.16 -4.54
N SER B 90 -6.08 -2.65 -4.23
CA SER B 90 -5.91 -1.21 -4.07
C SER B 90 -6.10 -0.46 -5.40
N ARG B 91 -6.50 0.80 -5.30
CA ARG B 91 -6.61 1.67 -6.47
C ARG B 91 -7.61 1.09 -7.46
N ASN B 92 -8.82 0.88 -6.96
CA ASN B 92 -9.92 0.42 -7.80
C ASN B 92 -11.15 1.31 -7.58
N GLU B 93 -12.33 0.84 -7.97
CA GLU B 93 -13.56 1.63 -7.84
C GLU B 93 -14.59 0.91 -6.97
N LEU B 94 -14.12 0.19 -5.95
CA LEU B 94 -15.02 -0.53 -5.05
C LEU B 94 -15.66 0.42 -4.04
N THR B 95 -16.98 0.31 -3.88
CA THR B 95 -17.68 1.07 -2.82
C THR B 95 -18.00 0.20 -1.60
N SER B 96 -17.95 -1.12 -1.78
CA SER B 96 -17.96 -2.05 -0.65
C SER B 96 -17.39 -3.39 -1.06
N VAL B 97 -17.02 -4.18 -0.05
CA VAL B 97 -16.67 -5.58 -0.21
C VAL B 97 -17.37 -6.31 0.94
N SER B 98 -17.78 -7.54 0.69
CA SER B 98 -18.45 -8.33 1.70
C SER B 98 -17.43 -9.05 2.57
N GLU B 99 -17.80 -9.24 3.83
CA GLU B 99 -16.96 -9.96 4.75
C GLU B 99 -16.73 -11.37 4.26
N LYS B 100 -17.78 -11.96 3.70
CA LYS B 100 -17.80 -13.35 3.21
C LYS B 100 -16.75 -13.65 2.15
N LEU B 101 -16.40 -12.63 1.36
CA LEU B 101 -15.37 -12.75 0.34
C LEU B 101 -14.06 -13.36 0.86
N PHE B 102 -13.70 -13.05 2.10
CA PHE B 102 -12.41 -13.44 2.64
C PHE B 102 -12.44 -14.66 3.56
N ASP B 103 -13.61 -15.28 3.72
CA ASP B 103 -13.80 -16.36 4.70
C ASP B 103 -12.75 -17.46 4.52
N PHE B 104 -12.65 -18.04 3.33
CA PHE B 104 -11.77 -19.20 3.14
C PHE B 104 -10.28 -18.91 3.28
N PRO B 105 -9.77 -17.84 2.61
CA PRO B 105 -8.35 -17.56 2.82
C PRO B 105 -7.98 -17.18 4.25
N ILE B 106 -8.86 -16.49 4.96
CA ILE B 106 -8.59 -16.13 6.36
C ILE B 106 -8.54 -17.39 7.21
N SER B 107 -9.56 -18.23 7.05
CA SER B 107 -9.64 -19.46 7.81
C SER B 107 -8.48 -20.40 7.49
N SER B 108 -8.13 -20.53 6.22
CA SER B 108 -7.03 -21.41 5.81
C SER B 108 -5.69 -20.94 6.39
N ALA B 109 -5.44 -19.63 6.34
CA ALA B 109 -4.20 -19.07 6.87
C ALA B 109 -4.07 -19.30 8.37
N LYS B 110 -5.13 -19.00 9.13
CA LYS B 110 -5.10 -19.22 10.56
C LYS B 110 -4.89 -20.70 10.91
N ALA B 111 -5.52 -21.60 10.16
CA ALA B 111 -5.35 -23.04 10.35
C ALA B 111 -3.91 -23.50 10.10
N GLN B 112 -3.24 -22.83 9.15
CA GLN B 112 -1.88 -23.19 8.75
C GLN B 112 -0.81 -22.37 9.45
N GLY B 113 -1.20 -21.53 10.40
CA GLY B 113 -0.29 -20.76 11.22
C GLY B 113 0.47 -19.70 10.45
N ARG B 114 -0.17 -19.09 9.46
CA ARG B 114 0.49 -18.12 8.61
C ARG B 114 -0.40 -16.90 8.40
N ARG B 115 0.16 -15.90 7.73
CA ARG B 115 -0.52 -14.64 7.50
C ARG B 115 -1.24 -14.63 6.16
N PHE B 116 -2.38 -13.94 6.10
CA PHE B 116 -3.05 -13.63 4.84
C PHE B 116 -3.43 -12.16 4.95
N PHE B 117 -2.93 -11.36 4.01
CA PHE B 117 -3.09 -9.91 4.08
C PHE B 117 -3.94 -9.44 2.91
N VAL B 118 -4.79 -8.45 3.18
CA VAL B 118 -5.69 -7.87 2.19
C VAL B 118 -5.40 -6.38 2.13
N TYR B 119 -5.05 -5.91 0.95
CA TYR B 119 -4.67 -4.52 0.75
C TYR B 119 -5.77 -3.86 -0.10
N LEU B 120 -6.49 -2.94 0.51
CA LEU B 120 -7.70 -2.32 -0.06
C LEU B 120 -7.61 -0.81 -0.24
N ALA B 121 -6.39 -0.28 -0.08
CA ALA B 121 -6.16 1.16 -0.15
C ALA B 121 -6.75 1.83 -1.40
N ASN B 122 -7.21 3.06 -1.24
CA ASN B 122 -7.59 3.90 -2.37
C ASN B 122 -8.74 3.33 -3.21
N ASN B 123 -9.84 3.02 -2.53
CA ASN B 123 -11.12 2.76 -3.18
C ASN B 123 -12.15 3.75 -2.63
N PRO B 124 -13.18 4.05 -3.43
CA PRO B 124 -14.21 5.04 -3.06
C PRO B 124 -15.28 4.45 -2.16
N TRP B 125 -14.89 4.08 -0.95
CA TRP B 125 -15.79 3.36 -0.03
C TRP B 125 -17.07 4.14 0.28
N GLY B 126 -18.19 3.43 0.19
CA GLY B 126 -19.44 3.96 0.67
C GLY B 126 -19.57 3.49 2.10
N CYS B 127 -19.49 4.41 3.04
CA CYS B 127 -19.50 4.09 4.45
C CYS B 127 -20.91 3.95 5.01
N ASP B 128 -21.57 2.87 4.62
CA ASP B 128 -22.92 2.58 5.07
C ASP B 128 -22.90 1.24 5.74
N CYS B 129 -24.07 0.64 5.95
CA CYS B 129 -24.16 -0.58 6.75
C CYS B 129 -23.31 -1.71 6.19
N ARG B 130 -23.02 -1.67 4.90
CA ARG B 130 -22.22 -2.72 4.25
C ARG B 130 -20.72 -2.67 4.56
N ALA B 132 -19.63 -1.48 7.83
CA ALA B 132 -19.51 -1.52 9.27
C ALA B 132 -18.51 -2.58 9.71
N TRP B 133 -18.64 -3.78 9.15
CA TRP B 133 -17.78 -4.90 9.53
C TRP B 133 -16.31 -4.59 9.36
N LEU B 134 -15.96 -3.90 8.27
CA LEU B 134 -14.55 -3.62 8.00
C LEU B 134 -14.04 -2.49 8.90
N ALA B 135 -14.85 -1.46 9.11
CA ALA B 135 -14.48 -0.39 10.03
C ALA B 135 -14.15 -0.97 11.42
N GLN B 136 -14.96 -1.91 11.88
CA GLN B 136 -14.73 -2.56 13.16
C GLN B 136 -13.42 -3.35 13.19
N GLU B 137 -13.21 -4.16 12.15
CA GLU B 137 -11.97 -4.91 11.97
C GLU B 137 -10.76 -3.99 12.01
N LEU B 138 -10.83 -2.88 11.28
CA LEU B 138 -9.73 -1.92 11.22
C LEU B 138 -9.51 -1.23 12.56
N ALA B 139 -10.60 -0.84 13.22
CA ALA B 139 -10.52 -0.20 14.54
C ALA B 139 -9.86 -1.11 15.56
N GLY B 140 -10.13 -2.41 15.46
CA GLY B 140 -9.59 -3.40 16.37
C GLY B 140 -8.13 -3.78 16.13
N GLY B 141 -7.53 -3.26 15.05
CA GLY B 141 -6.13 -3.53 14.73
C GLY B 141 -5.98 -4.84 13.98
N SER B 142 -6.72 -4.99 12.89
CA SER B 142 -6.73 -6.24 12.16
C SER B 142 -5.34 -6.68 11.73
N LYS B 143 -5.10 -7.99 11.86
CA LYS B 143 -3.91 -8.65 11.33
C LYS B 143 -4.09 -9.00 9.85
N THR B 144 -5.33 -8.89 9.36
CA THR B 144 -5.64 -9.25 7.98
C THR B 144 -5.70 -8.04 7.05
N PHE B 145 -6.45 -7.02 7.47
CA PHE B 145 -6.76 -5.88 6.61
C PHE B 145 -5.91 -4.67 6.94
N GLY B 146 -5.19 -4.17 5.95
CA GLY B 146 -4.38 -2.98 6.12
C GLY B 146 -5.21 -1.72 6.24
N ASP B 147 -4.75 -0.79 7.05
CA ASP B 147 -5.51 0.44 7.28
C ASP B 147 -4.93 1.66 6.56
N ARG B 148 -4.04 1.48 5.60
CA ARG B 148 -3.48 2.61 4.85
C ARG B 148 -4.48 3.13 3.81
N HIS B 149 -4.72 4.44 3.80
CA HIS B 149 -5.57 5.08 2.79
C HIS B 149 -6.94 4.40 2.66
N GLU B 151 -10.42 5.42 3.32
CA GLU B 151 -11.29 6.58 3.59
C GLU B 151 -12.63 6.48 2.90
N CYS B 152 -13.65 7.07 3.54
CA CYS B 152 -14.98 7.12 2.95
C CYS B 152 -15.04 8.11 1.81
N ALA B 153 -15.71 7.73 0.73
CA ALA B 153 -16.03 8.67 -0.34
C ALA B 153 -17.45 9.22 -0.18
N THR B 154 -18.34 8.39 0.33
CA THR B 154 -19.72 8.75 0.65
C THR B 154 -20.11 8.09 1.98
N PRO B 155 -21.21 8.54 2.60
CA PRO B 155 -22.06 9.68 2.23
C PRO B 155 -21.31 10.97 2.50
N ALA B 156 -21.90 12.11 2.10
CA ALA B 156 -21.22 13.41 2.23
C ALA B 156 -20.78 13.76 3.65
N ALA B 157 -21.58 13.38 4.64
CA ALA B 157 -21.26 13.66 6.04
C ALA B 157 -19.97 12.99 6.51
N LEU B 158 -19.58 11.89 5.85
CA LEU B 158 -18.41 11.12 6.24
C LEU B 158 -17.26 11.22 5.27
N ALA B 159 -17.44 11.97 4.19
CA ALA B 159 -16.46 12.00 3.11
C ALA B 159 -15.09 12.46 3.61
N GLY B 160 -14.04 11.73 3.23
CA GLY B 160 -12.68 12.03 3.65
C GLY B 160 -12.24 11.49 5.01
N ARG B 161 -13.17 10.98 5.81
CA ARG B 161 -12.82 10.40 7.11
C ARG B 161 -12.37 8.95 6.98
N GLY B 162 -11.43 8.56 7.85
CA GLY B 162 -10.94 7.19 7.89
C GLY B 162 -11.99 6.22 8.43
N LEU B 163 -12.15 5.08 7.75
CA LEU B 163 -13.08 4.05 8.22
C LEU B 163 -12.86 3.67 9.67
N SER B 164 -11.59 3.57 10.08
CA SER B 164 -11.29 3.15 11.44
C SER B 164 -11.57 4.25 12.47
N GLU B 165 -11.87 5.47 12.01
CA GLU B 165 -12.14 6.63 12.88
C GLU B 165 -13.63 6.87 13.15
N ILE B 166 -14.51 6.14 12.47
CA ILE B 166 -15.92 6.46 12.46
C ILE B 166 -16.69 5.50 13.38
N PRO B 167 -17.56 6.03 14.27
CA PRO B 167 -18.28 5.10 15.14
C PRO B 167 -19.22 4.18 14.37
N GLN B 168 -19.40 2.97 14.89
CA GLN B 168 -20.25 1.95 14.28
C GLN B 168 -21.66 2.44 13.99
N THR B 169 -22.22 3.24 14.89
CA THR B 169 -23.58 3.76 14.71
C THR B 169 -23.75 4.68 13.50
N SER B 170 -22.66 5.20 12.97
CA SER B 170 -22.73 6.02 11.76
C SER B 170 -22.79 5.22 10.46
N PHE B 171 -22.56 3.90 10.54
CA PHE B 171 -22.57 3.02 9.37
C PHE B 171 -23.96 2.45 9.24
N VAL B 172 -24.81 3.17 8.54
CA VAL B 172 -26.20 2.74 8.41
C VAL B 172 -26.65 2.82 6.96
N CYS B 173 -27.64 1.98 6.64
CA CYS B 173 -28.33 2.04 5.37
C CYS B 173 -29.79 2.33 5.66
N THR B 174 -30.40 3.21 4.87
CA THR B 174 -31.83 3.47 4.97
C THR B 174 -32.47 3.41 3.60
N GLY B 175 -33.79 3.22 3.56
CA GLY B 175 -34.50 3.22 2.30
C GLY B 175 -34.32 1.94 1.51
N ARG B 176 -34.70 1.99 0.24
CA ARG B 176 -34.97 0.79 -0.57
C ARG B 176 -33.97 0.52 -1.70
N ASP B 177 -32.92 1.31 -1.83
CA ASP B 177 -32.01 1.17 -2.97
C ASP B 177 -30.67 0.52 -2.61
N ILE B 178 -30.63 -0.21 -1.50
CA ILE B 178 -29.40 -0.87 -1.10
C ILE B 178 -29.37 -2.24 -1.75
N SER B 179 -28.35 -2.49 -2.58
CA SER B 179 -28.13 -3.82 -3.14
C SER B 179 -27.28 -4.64 -2.16
N PHE B 180 -27.82 -5.78 -1.74
CA PHE B 180 -27.09 -6.71 -0.87
C PHE B 180 -26.66 -7.93 -1.67
#